data_2V5J
#
_entry.id   2V5J
#
_cell.length_a   128.920
_cell.length_b   128.920
_cell.length_c   175.300
_cell.angle_alpha   90.00
_cell.angle_beta   90.00
_cell.angle_gamma   120.00
#
_symmetry.space_group_name_H-M   'H 3 2'
#
loop_
_entity.id
_entity.type
_entity.pdbx_description
1 polymer '2,4-DIHYDROXYHEPT-2-ENE-1,7-DIOIC ACID ALDOLASE'
2 non-polymer 'PHOSPHATE ION'
3 non-polymer GLYCEROL
4 water water
#
_entity_poly.entity_id   1
_entity_poly.type   'polypeptide(L)'
_entity_poly.pdbx_seq_one_letter_code
;MSYYHHHHHHDVDIPTTENLYFQGAMENSFKAALKAGRPQIGLWLGLSSSYSAELLAGAGFDWLLIDGEHAPNNVQTVLT
QLQAIAPYPSQPVVRPSWNDPVQIKQLLDVGTQTLLVPMVQNADEAREAVRATRYPPAGIRGVGSALARASRWNRIPDYL
QKANDQMCVLVQIETREAMKNLPQILDVEGVDGVFIGPADLSADMGYAGNPQHPEVQAAIEQAIVQIRESGKAPGILIAN
EQLAKRYLELGALFVAVGVDTTLLARAAEALAARFGAQATAVKPGVY
;
_entity_poly.pdbx_strand_id   A,B
#
loop_
_chem_comp.id
_chem_comp.type
_chem_comp.name
_chem_comp.formula
GOL non-polymer GLYCEROL 'C3 H8 O3'
PO4 non-polymer 'PHOSPHATE ION' 'O4 P -3'
#
# COMPACT_ATOMS: atom_id res chain seq x y z
N THR A 17 13.14 -20.87 25.51
CA THR A 17 12.64 -19.62 24.88
C THR A 17 11.33 -19.89 24.09
N GLU A 18 11.17 -21.07 23.51
CA GLU A 18 9.84 -21.45 23.00
C GLU A 18 8.79 -21.37 24.11
N ASN A 19 9.11 -22.01 25.24
CA ASN A 19 8.24 -21.99 26.42
C ASN A 19 7.80 -20.59 26.76
N LEU A 20 8.75 -19.67 26.87
CA LEU A 20 8.41 -18.30 27.25
C LEU A 20 7.62 -17.61 26.15
N TYR A 21 7.93 -17.93 24.89
CA TYR A 21 7.17 -17.36 23.78
C TYR A 21 5.69 -17.73 23.91
N PHE A 22 5.39 -18.99 24.20
CA PHE A 22 4.00 -19.46 24.21
C PHE A 22 3.24 -18.98 25.41
N GLN A 23 3.95 -18.90 26.54
CA GLN A 23 3.38 -18.29 27.74
C GLN A 23 2.94 -16.86 27.43
N GLY A 24 3.82 -16.11 26.77
CA GLY A 24 3.53 -14.72 26.40
C GLY A 24 2.51 -14.55 25.29
N ALA A 25 2.24 -15.60 24.54
CA ALA A 25 1.38 -15.50 23.34
C ALA A 25 -0.12 -15.43 23.64
N MET A 26 -0.51 -15.82 24.84
CA MET A 26 -1.92 -15.98 25.19
C MET A 26 -2.58 -14.64 25.53
N GLU A 27 -1.83 -13.75 26.18
CA GLU A 27 -2.39 -12.52 26.75
C GLU A 27 -2.87 -11.58 25.64
N ASN A 28 -4.13 -11.16 25.73
CA ASN A 28 -4.65 -10.16 24.82
C ASN A 28 -4.29 -8.77 25.34
N SER A 29 -3.22 -8.20 24.79
CA SER A 29 -2.70 -6.92 25.29
C SER A 29 -3.66 -5.76 25.00
N PHE A 30 -4.35 -5.84 23.87
CA PHE A 30 -5.36 -4.80 23.56
C PHE A 30 -6.48 -4.80 24.59
N LYS A 31 -6.97 -5.98 24.94
CA LYS A 31 -8.02 -6.09 25.95
C LYS A 31 -7.55 -5.53 27.27
N ALA A 32 -6.32 -5.88 27.65
CA ALA A 32 -5.79 -5.44 28.94
C ALA A 32 -5.75 -3.90 28.96
N ALA A 33 -5.32 -3.30 27.86
CA ALA A 33 -5.26 -1.83 27.78
C ALA A 33 -6.65 -1.19 27.87
N LEU A 34 -7.63 -1.75 27.17
CA LEU A 34 -9.01 -1.26 27.27
C LEU A 34 -9.53 -1.33 28.72
N LYS A 35 -9.29 -2.46 29.37
CA LYS A 35 -9.77 -2.61 30.76
C LYS A 35 -9.11 -1.63 31.73
N ALA A 36 -7.86 -1.24 31.43
CA ALA A 36 -7.11 -0.27 32.21
C ALA A 36 -7.45 1.19 31.90
N GLY A 37 -8.31 1.40 30.90
CA GLY A 37 -8.68 2.75 30.51
C GLY A 37 -7.57 3.48 29.77
N ARG A 38 -6.70 2.74 29.08
CA ARG A 38 -5.62 3.41 28.34
C ARG A 38 -6.12 3.61 26.90
N PRO A 39 -6.24 4.87 26.44
CA PRO A 39 -6.75 5.06 25.08
C PRO A 39 -5.83 4.46 24.04
N GLN A 40 -6.41 3.81 23.04
CA GLN A 40 -5.65 3.09 22.03
C GLN A 40 -5.93 3.72 20.67
N ILE A 41 -4.86 4.15 20.00
CA ILE A 41 -4.97 4.88 18.73
C ILE A 41 -4.74 3.86 17.61
N GLY A 42 -5.66 3.82 16.64
CA GLY A 42 -5.63 2.75 15.63
C GLY A 42 -5.59 3.24 14.19
N LEU A 43 -5.20 2.33 13.31
CA LEU A 43 -5.28 2.55 11.88
C LEU A 43 -6.07 1.42 11.23
N TRP A 44 -6.96 1.76 10.29
CA TRP A 44 -7.74 0.75 9.54
C TRP A 44 -6.87 0.22 8.42
N LEU A 45 -6.89 -1.10 8.26
CA LEU A 45 -6.18 -1.77 7.16
C LEU A 45 -7.16 -2.32 6.15
N GLY A 46 -7.24 -1.62 5.01
CA GLY A 46 -8.02 -2.14 3.89
C GLY A 46 -7.13 -2.54 2.70
N LEU A 47 -5.80 -2.37 2.79
CA LEU A 47 -4.97 -2.75 1.61
C LEU A 47 -4.90 -4.27 1.39
N SER A 48 -5.30 -5.09 2.40
CA SER A 48 -5.52 -6.53 2.14
C SER A 48 -4.24 -7.23 1.72
N SER A 49 -3.14 -6.79 2.31
CA SER A 49 -1.81 -7.30 1.95
C SER A 49 -0.98 -7.54 3.21
N SER A 50 -0.35 -8.71 3.29
CA SER A 50 0.54 -8.94 4.46
C SER A 50 1.79 -8.10 4.42
N TYR A 51 2.15 -7.62 3.22
CA TYR A 51 3.34 -6.79 3.10
C TYR A 51 3.09 -5.38 3.67
N SER A 52 2.06 -4.68 3.17
CA SER A 52 1.78 -3.36 3.78
C SER A 52 1.36 -3.47 5.24
N ALA A 53 0.73 -4.58 5.63
CA ALA A 53 0.41 -4.76 7.07
C ALA A 53 1.68 -4.73 7.91
N GLU A 54 2.70 -5.47 7.49
CA GLU A 54 3.95 -5.45 8.28
C GLU A 54 4.54 -4.02 8.32
N LEU A 55 4.56 -3.36 7.15
CA LEU A 55 5.09 -2.00 7.09
C LEU A 55 4.33 -1.13 8.11
N LEU A 56 3.02 -1.20 8.10
CA LEU A 56 2.22 -0.33 8.95
C LEU A 56 2.28 -0.74 10.43
N ALA A 57 2.58 -2.01 10.69
CA ALA A 57 2.78 -2.46 12.08
C ALA A 57 3.96 -1.76 12.73
N GLY A 58 4.88 -1.20 11.92
CA GLY A 58 6.05 -0.50 12.48
C GLY A 58 5.81 1.00 12.73
N ALA A 59 4.60 1.50 12.43
CA ALA A 59 4.35 2.96 12.38
C ALA A 59 4.07 3.55 13.77
N GLY A 60 3.78 2.68 14.74
CA GLY A 60 3.51 3.16 16.12
C GLY A 60 2.08 3.17 16.61
N PHE A 61 1.14 2.62 15.83
CA PHE A 61 -0.25 2.55 16.31
C PHE A 61 -0.43 1.53 17.42
N ASP A 62 -1.35 1.82 18.32
CA ASP A 62 -1.69 0.81 19.33
C ASP A 62 -2.41 -0.38 18.75
N TRP A 63 -3.23 -0.14 17.72
CA TRP A 63 -3.98 -1.24 17.11
C TRP A 63 -4.15 -1.03 15.64
N LEU A 64 -4.38 -2.15 14.96
CA LEU A 64 -4.59 -2.16 13.51
C LEU A 64 -5.85 -2.98 13.24
N LEU A 65 -6.73 -2.46 12.41
CA LEU A 65 -8.02 -3.14 12.13
C LEU A 65 -7.90 -3.83 10.78
N ILE A 66 -7.92 -5.15 10.80
CA ILE A 66 -7.87 -5.92 9.54
C ILE A 66 -9.33 -6.10 9.11
N ASP A 67 -9.67 -5.38 8.05
CA ASP A 67 -11.09 -5.25 7.68
C ASP A 67 -11.56 -6.37 6.78
N GLY A 68 -12.30 -7.31 7.35
CA GLY A 68 -12.86 -8.45 6.61
C GLY A 68 -14.22 -8.18 6.02
N GLU A 69 -14.75 -6.99 6.31
CA GLU A 69 -16.10 -6.58 5.86
C GLU A 69 -16.11 -5.78 4.57
N HIS A 70 -15.23 -4.78 4.49
CA HIS A 70 -15.31 -3.82 3.37
C HIS A 70 -14.00 -3.66 2.62
N ALA A 71 -13.11 -4.60 2.82
CA ALA A 71 -11.86 -4.76 2.07
C ALA A 71 -11.80 -6.20 1.56
N PRO A 72 -11.08 -6.44 0.47
CA PRO A 72 -11.03 -7.77 -0.15
C PRO A 72 -10.14 -8.80 0.56
N ASN A 73 -10.53 -9.03 1.81
CA ASN A 73 -9.87 -9.99 2.67
C ASN A 73 -10.74 -11.21 2.84
N ASN A 74 -10.10 -12.30 3.27
CA ASN A 74 -10.81 -13.52 3.66
C ASN A 74 -10.02 -14.15 4.82
N VAL A 75 -10.44 -15.33 5.28
CA VAL A 75 -9.80 -15.87 6.46
C VAL A 75 -8.30 -16.05 6.19
N GLN A 76 -7.97 -16.49 4.98
CA GLN A 76 -6.58 -16.73 4.64
C GLN A 76 -5.71 -15.44 4.62
N THR A 77 -6.26 -14.35 4.08
CA THR A 77 -5.47 -13.10 4.08
C THR A 77 -5.42 -12.48 5.48
N VAL A 78 -6.47 -12.72 6.27
CA VAL A 78 -6.39 -12.33 7.70
C VAL A 78 -5.23 -13.06 8.39
N LEU A 79 -5.15 -14.38 8.17
CA LEU A 79 -4.06 -15.15 8.74
C LEU A 79 -2.70 -14.56 8.38
N THR A 80 -2.47 -14.25 7.08
CA THR A 80 -1.13 -13.75 6.73
C THR A 80 -0.85 -12.36 7.31
N GLN A 81 -1.91 -11.56 7.48
CA GLN A 81 -1.72 -10.26 8.16
C GLN A 81 -1.42 -10.44 9.64
N LEU A 82 -2.07 -11.42 10.29
CA LEU A 82 -1.77 -11.67 11.70
C LEU A 82 -0.30 -12.12 11.84
N GLN A 83 0.14 -12.96 10.89
CA GLN A 83 1.55 -13.45 10.95
C GLN A 83 2.50 -12.29 10.73
N ALA A 84 2.11 -11.36 9.84
CA ALA A 84 3.02 -10.22 9.58
C ALA A 84 3.16 -9.30 10.78
N ILE A 85 2.03 -9.02 11.43
CA ILE A 85 1.96 -8.06 12.55
C ILE A 85 2.58 -8.64 13.85
N ALA A 86 2.58 -9.96 13.97
CA ALA A 86 2.85 -10.62 15.25
C ALA A 86 4.03 -10.08 16.07
N PRO A 87 5.23 -9.86 15.45
CA PRO A 87 6.37 -9.45 16.30
C PRO A 87 6.34 -7.99 16.74
N TYR A 88 5.40 -7.20 16.21
CA TYR A 88 5.38 -5.76 16.48
C TYR A 88 4.54 -5.44 17.72
N PRO A 89 4.71 -4.23 18.28
CA PRO A 89 3.90 -3.91 19.45
C PRO A 89 2.44 -3.60 19.13
N SER A 90 2.14 -3.29 17.86
CA SER A 90 0.77 -2.92 17.47
C SER A 90 -0.11 -4.17 17.51
N GLN A 91 -1.32 -4.05 18.06
CA GLN A 91 -2.17 -5.21 18.24
C GLN A 91 -3.23 -5.30 17.15
N PRO A 92 -3.47 -6.51 16.65
CA PRO A 92 -4.47 -6.68 15.59
C PRO A 92 -5.91 -6.83 16.14
N VAL A 93 -6.83 -6.19 15.43
CA VAL A 93 -8.26 -6.39 15.68
C VAL A 93 -8.81 -6.79 14.30
N VAL A 94 -9.72 -7.75 14.28
CA VAL A 94 -10.24 -8.24 12.98
C VAL A 94 -11.74 -8.00 12.92
N ARG A 95 -12.20 -7.44 11.81
CA ARG A 95 -13.66 -7.25 11.58
C ARG A 95 -14.17 -8.36 10.63
N PRO A 96 -15.05 -9.26 11.10
CA PRO A 96 -15.61 -10.26 10.17
C PRO A 96 -16.62 -9.56 9.25
N SER A 97 -17.09 -10.25 8.21
CA SER A 97 -17.98 -9.55 7.30
C SER A 97 -19.40 -9.39 7.85
N TRP A 98 -19.70 -10.18 8.89
CA TRP A 98 -21.01 -10.11 9.53
C TRP A 98 -20.94 -10.78 10.88
N ASN A 99 -21.98 -10.57 11.70
CA ASN A 99 -22.10 -11.30 12.94
C ASN A 99 -22.54 -12.74 12.71
N ASP A 100 -21.60 -13.55 12.25
CA ASP A 100 -21.85 -14.95 11.81
C ASP A 100 -20.99 -15.87 12.66
N PRO A 101 -21.61 -16.79 13.44
CA PRO A 101 -20.78 -17.65 14.29
C PRO A 101 -19.77 -18.51 13.50
N VAL A 102 -20.11 -18.85 12.26
CA VAL A 102 -19.20 -19.68 11.46
C VAL A 102 -17.96 -18.85 11.08
N GLN A 103 -18.18 -17.63 10.57
CA GLN A 103 -17.06 -16.75 10.27
C GLN A 103 -16.24 -16.43 11.51
N ILE A 104 -16.93 -16.11 12.61
CA ILE A 104 -16.23 -15.84 13.87
C ILE A 104 -15.36 -17.03 14.29
N LYS A 105 -15.89 -18.25 14.26
CA LYS A 105 -15.07 -19.40 14.67
C LYS A 105 -13.82 -19.57 13.77
N GLN A 106 -13.94 -19.28 12.47
CA GLN A 106 -12.79 -19.50 11.57
C GLN A 106 -11.74 -18.43 11.89
N LEU A 107 -12.19 -17.22 12.20
CA LEU A 107 -11.25 -16.16 12.57
C LEU A 107 -10.55 -16.47 13.88
N LEU A 108 -11.30 -16.97 14.86
CA LEU A 108 -10.69 -17.37 16.13
C LEU A 108 -9.68 -18.51 15.88
N ASP A 109 -10.03 -19.45 14.99
CA ASP A 109 -9.15 -20.61 14.72
C ASP A 109 -7.77 -20.12 14.27
N VAL A 110 -7.74 -19.07 13.43
CA VAL A 110 -6.43 -18.63 12.86
C VAL A 110 -5.71 -17.70 13.84
N GLY A 111 -6.33 -17.46 15.00
CA GLY A 111 -5.63 -16.75 16.08
C GLY A 111 -6.16 -15.35 16.44
N THR A 112 -7.30 -14.96 15.88
CA THR A 112 -7.92 -13.66 16.24
C THR A 112 -8.34 -13.69 17.70
N GLN A 113 -7.97 -12.67 18.47
CA GLN A 113 -8.48 -12.55 19.84
C GLN A 113 -9.34 -11.33 20.06
N THR A 114 -9.30 -10.36 19.15
CA THR A 114 -10.16 -9.17 19.32
C THR A 114 -10.94 -8.99 18.03
N LEU A 115 -12.27 -9.00 18.16
CA LEU A 115 -13.21 -8.94 17.03
C LEU A 115 -14.01 -7.65 17.07
N LEU A 116 -14.15 -7.01 15.91
CA LEU A 116 -15.05 -5.86 15.81
C LEU A 116 -16.22 -6.32 14.94
N VAL A 117 -17.37 -6.54 15.58
CA VAL A 117 -18.49 -7.22 14.91
C VAL A 117 -19.44 -6.19 14.30
N PRO A 118 -19.69 -6.24 12.98
CA PRO A 118 -20.52 -5.17 12.40
C PRO A 118 -22.00 -5.34 12.66
N MET A 119 -22.74 -4.23 12.57
CA MET A 119 -24.21 -4.29 12.46
C MET A 119 -24.88 -5.01 13.63
N VAL A 120 -24.43 -4.68 14.84
CA VAL A 120 -25.08 -5.23 16.02
C VAL A 120 -26.20 -4.27 16.43
N GLN A 121 -27.45 -4.76 16.31
CA GLN A 121 -28.63 -3.92 16.39
C GLN A 121 -29.36 -3.98 17.72
N ASN A 122 -29.09 -5.03 18.50
CA ASN A 122 -29.82 -5.24 19.72
C ASN A 122 -28.99 -6.18 20.63
N ALA A 123 -29.47 -6.36 21.87
CA ALA A 123 -28.71 -7.14 22.85
C ALA A 123 -28.64 -8.63 22.48
N ASP A 124 -29.70 -9.18 21.88
CA ASP A 124 -29.66 -10.58 21.43
C ASP A 124 -28.50 -10.78 20.45
N GLU A 125 -28.34 -9.84 19.51
CA GLU A 125 -27.25 -9.96 18.54
C GLU A 125 -25.88 -9.81 19.22
N ALA A 126 -25.79 -8.87 20.15
CA ALA A 126 -24.56 -8.72 20.93
C ALA A 126 -24.23 -10.02 21.70
N ARG A 127 -25.24 -10.62 22.32
CA ARG A 127 -25.05 -11.87 23.09
C ARG A 127 -24.56 -13.00 22.17
N GLU A 128 -25.11 -13.05 20.96
CA GLU A 128 -24.76 -14.11 19.99
C GLU A 128 -23.29 -13.94 19.60
N ALA A 129 -22.86 -12.69 19.44
CA ALA A 129 -21.45 -12.43 19.07
C ALA A 129 -20.54 -12.94 20.20
N VAL A 130 -20.88 -12.62 21.45
CA VAL A 130 -20.07 -13.05 22.60
C VAL A 130 -20.02 -14.56 22.67
N ARG A 131 -21.19 -15.19 22.59
CA ARG A 131 -21.25 -16.65 22.72
C ARG A 131 -20.44 -17.34 21.64
N ALA A 132 -20.36 -16.75 20.45
CA ALA A 132 -19.58 -17.40 19.38
C ALA A 132 -18.09 -17.48 19.72
N THR A 133 -17.63 -16.65 20.68
CA THR A 133 -16.20 -16.58 21.04
C THR A 133 -15.80 -17.39 22.24
N ARG A 134 -16.76 -18.02 22.90
CA ARG A 134 -16.49 -18.68 24.18
C ARG A 134 -16.81 -20.17 24.12
N TYR A 135 -15.93 -20.97 24.71
CA TYR A 135 -16.17 -22.39 24.87
C TYR A 135 -17.27 -22.61 25.88
N PRO A 136 -17.95 -23.78 25.82
CA PRO A 136 -18.90 -24.20 26.85
C PRO A 136 -18.25 -24.21 28.24
N PRO A 137 -19.03 -23.92 29.27
CA PRO A 137 -20.45 -23.56 29.25
C PRO A 137 -20.75 -22.10 28.91
N ALA A 138 -19.74 -21.27 28.59
CA ALA A 138 -19.98 -19.84 28.41
C ALA A 138 -20.48 -19.50 27.02
N GLY A 139 -20.21 -20.37 26.08
CA GLY A 139 -20.63 -20.11 24.71
C GLY A 139 -20.65 -21.37 23.88
N ILE A 140 -20.57 -21.16 22.57
CA ILE A 140 -20.77 -22.23 21.57
C ILE A 140 -19.54 -22.50 20.73
N ARG A 141 -18.41 -21.92 21.12
CA ARG A 141 -17.16 -22.23 20.44
C ARG A 141 -16.80 -23.72 20.60
N GLY A 142 -16.43 -24.36 19.51
CA GLY A 142 -16.01 -25.77 19.53
C GLY A 142 -14.60 -26.00 20.02
N VAL A 143 -14.44 -26.78 21.09
CA VAL A 143 -13.11 -27.14 21.64
C VAL A 143 -12.26 -27.98 20.66
N GLY A 144 -12.94 -28.71 19.77
CA GLY A 144 -12.25 -29.59 18.84
C GLY A 144 -11.27 -28.92 17.90
N SER A 145 -11.45 -27.62 17.61
CA SER A 145 -10.53 -26.92 16.71
C SER A 145 -9.50 -26.06 17.47
N ALA A 146 -9.38 -26.29 18.77
CA ALA A 146 -8.38 -25.52 19.53
C ALA A 146 -7.00 -25.77 18.97
N LEU A 147 -6.79 -26.92 18.33
CA LEU A 147 -5.45 -27.29 17.80
C LEU A 147 -4.90 -26.49 16.59
N ALA A 148 -5.69 -25.53 16.07
CA ALA A 148 -5.27 -24.65 14.95
C ALA A 148 -4.26 -23.55 15.41
N ARG A 149 -4.11 -22.43 14.67
CA ARG A 149 -3.09 -21.44 15.05
C ARG A 149 -3.45 -20.81 16.40
N ALA A 150 -4.72 -20.82 16.74
CA ALA A 150 -5.18 -20.24 18.01
C ALA A 150 -4.34 -20.73 19.20
N SER A 151 -4.09 -22.04 19.31
CA SER A 151 -3.30 -22.58 20.44
C SER A 151 -1.86 -22.82 19.98
N ARG A 152 -1.51 -22.21 18.84
CA ARG A 152 -0.25 -22.51 18.17
C ARG A 152 -0.06 -24.03 18.04
N TRP A 153 -1.10 -24.70 17.52
CA TRP A 153 -1.05 -26.14 17.23
C TRP A 153 -0.69 -26.92 18.50
N ASN A 154 -1.39 -26.55 19.58
CA ASN A 154 -1.34 -27.23 20.88
C ASN A 154 -0.05 -26.96 21.66
N ARG A 155 0.58 -25.81 21.41
CA ARG A 155 1.78 -25.41 22.17
C ARG A 155 1.51 -24.46 23.33
N ILE A 156 0.39 -23.73 23.27
CA ILE A 156 0.10 -22.81 24.37
C ILE A 156 -0.43 -23.61 25.55
N PRO A 157 0.30 -23.58 26.70
CA PRO A 157 -0.14 -24.39 27.82
C PRO A 157 -1.48 -23.90 28.36
N ASP A 158 -2.35 -24.88 28.63
CA ASP A 158 -3.67 -24.67 29.24
C ASP A 158 -4.52 -23.74 28.39
N TYR A 159 -4.37 -23.88 27.08
CA TYR A 159 -5.09 -23.02 26.15
C TYR A 159 -6.62 -23.02 26.41
N LEU A 160 -7.22 -24.19 26.52
CA LEU A 160 -8.69 -24.25 26.64
C LEU A 160 -9.22 -23.49 27.85
N GLN A 161 -8.48 -23.56 28.95
CA GLN A 161 -8.91 -22.93 30.20
C GLN A 161 -8.71 -21.42 30.17
N LYS A 162 -7.74 -20.98 29.38
CA LYS A 162 -7.32 -19.59 29.35
C LYS A 162 -8.01 -18.78 28.24
N ALA A 163 -8.54 -19.46 27.23
CA ALA A 163 -8.97 -18.75 25.99
C ALA A 163 -10.12 -17.77 26.17
N ASN A 164 -11.17 -18.20 26.88
CA ASN A 164 -12.37 -17.34 27.02
C ASN A 164 -12.01 -15.96 27.55
N ASP A 165 -11.17 -15.93 28.59
CA ASP A 165 -10.91 -14.65 29.25
C ASP A 165 -10.08 -13.69 28.41
N GLN A 166 -9.43 -14.21 27.36
CA GLN A 166 -8.58 -13.37 26.53
C GLN A 166 -9.31 -12.91 25.26
N MET A 167 -10.55 -13.35 25.06
CA MET A 167 -11.33 -12.89 23.92
C MET A 167 -11.90 -11.51 24.22
N CYS A 168 -11.86 -10.66 23.19
CA CYS A 168 -12.29 -9.29 23.33
C CYS A 168 -13.30 -9.00 22.24
N VAL A 169 -14.54 -8.76 22.63
CA VAL A 169 -15.61 -8.55 21.68
C VAL A 169 -16.04 -7.09 21.67
N LEU A 170 -15.94 -6.49 20.49
CA LEU A 170 -16.33 -5.09 20.28
C LEU A 170 -17.48 -5.14 19.29
N VAL A 171 -18.58 -4.45 19.57
CA VAL A 171 -19.76 -4.51 18.70
C VAL A 171 -19.98 -3.16 18.06
N GLN A 172 -20.31 -3.15 16.76
CA GLN A 172 -20.61 -1.88 16.09
C GLN A 172 -22.06 -1.48 16.17
N ILE A 173 -22.29 -0.22 16.51
CA ILE A 173 -23.63 0.35 16.43
C ILE A 173 -23.65 1.40 15.30
N GLU A 174 -24.57 1.26 14.36
CA GLU A 174 -24.48 2.15 13.18
C GLU A 174 -25.84 2.53 12.62
N THR A 175 -26.86 2.38 13.45
CA THR A 175 -28.23 2.71 13.03
C THR A 175 -28.97 3.35 14.20
N ARG A 176 -30.07 4.04 13.89
CA ARG A 176 -30.97 4.53 14.92
C ARG A 176 -31.48 3.42 15.85
N GLU A 177 -31.76 2.27 15.25
CA GLU A 177 -32.24 1.10 16.03
C GLU A 177 -31.20 0.72 17.08
N ALA A 178 -29.94 0.63 16.66
CA ALA A 178 -28.86 0.23 17.56
C ALA A 178 -28.68 1.26 18.67
N MET A 179 -28.79 2.55 18.32
CA MET A 179 -28.71 3.56 19.36
C MET A 179 -29.84 3.42 20.37
N LYS A 180 -31.05 3.18 19.90
CA LYS A 180 -32.20 2.95 20.76
C LYS A 180 -31.89 1.82 21.76
N ASN A 181 -31.24 0.77 21.25
CA ASN A 181 -30.98 -0.42 22.06
C ASN A 181 -29.67 -0.40 22.84
N LEU A 182 -28.99 0.75 22.81
CA LEU A 182 -27.65 0.82 23.39
C LEU A 182 -27.63 0.44 24.88
N PRO A 183 -28.60 0.95 25.68
CA PRO A 183 -28.56 0.55 27.09
C PRO A 183 -28.59 -0.97 27.31
N GLN A 184 -29.39 -1.70 26.51
CA GLN A 184 -29.48 -3.15 26.67
C GLN A 184 -28.22 -3.81 26.13
N ILE A 185 -27.69 -3.29 25.03
CA ILE A 185 -26.41 -3.81 24.51
C ILE A 185 -25.30 -3.66 25.56
N LEU A 186 -25.29 -2.52 26.24
CA LEU A 186 -24.27 -2.28 27.27
C LEU A 186 -24.37 -3.28 28.42
N ASP A 187 -25.59 -3.76 28.67
CA ASP A 187 -25.83 -4.75 29.74
C ASP A 187 -25.35 -6.17 29.45
N VAL A 188 -24.88 -6.41 28.24
CA VAL A 188 -24.51 -7.80 27.85
C VAL A 188 -23.12 -8.12 28.34
N GLU A 189 -23.01 -9.18 29.15
CA GLU A 189 -21.71 -9.60 29.69
C GLU A 189 -20.86 -10.10 28.53
N GLY A 190 -19.61 -9.62 28.50
CA GLY A 190 -18.67 -10.05 27.46
C GLY A 190 -18.60 -9.05 26.32
N VAL A 191 -19.54 -8.11 26.25
CA VAL A 191 -19.34 -6.98 25.33
C VAL A 191 -18.31 -6.08 26.00
N ASP A 192 -17.10 -6.02 25.42
CA ASP A 192 -16.03 -5.21 26.03
C ASP A 192 -15.99 -3.78 25.55
N GLY A 193 -16.50 -3.57 24.35
CA GLY A 193 -16.50 -2.24 23.75
C GLY A 193 -17.60 -2.10 22.73
N VAL A 194 -17.98 -0.86 22.48
CA VAL A 194 -19.04 -0.53 21.51
C VAL A 194 -18.47 0.56 20.61
N PHE A 195 -18.42 0.23 19.33
CA PHE A 195 -17.87 1.08 18.29
C PHE A 195 -19.00 1.76 17.57
N ILE A 196 -18.85 3.05 17.30
CA ILE A 196 -19.87 3.82 16.55
C ILE A 196 -19.41 4.07 15.12
N GLY A 197 -20.26 3.73 14.14
CA GLY A 197 -19.97 3.99 12.72
C GLY A 197 -20.63 5.27 12.27
N PRO A 198 -19.88 6.38 12.25
CA PRO A 198 -20.55 7.70 12.14
C PRO A 198 -21.19 8.01 10.81
N ALA A 199 -20.56 7.54 9.74
CA ALA A 199 -21.11 7.76 8.40
C ALA A 199 -22.39 6.95 8.23
N ASP A 200 -22.37 5.66 8.60
CA ASP A 200 -23.60 4.85 8.51
C ASP A 200 -24.70 5.38 9.41
N LEU A 201 -24.35 5.79 10.63
CA LEU A 201 -25.34 6.38 11.52
C LEU A 201 -25.95 7.64 10.89
N SER A 202 -25.08 8.52 10.38
CA SER A 202 -25.57 9.71 9.71
C SER A 202 -26.57 9.39 8.59
N ALA A 203 -26.20 8.44 7.75
CA ALA A 203 -27.08 8.01 6.67
C ALA A 203 -28.41 7.49 7.22
N ASP A 204 -28.38 6.64 8.26
CA ASP A 204 -29.64 6.16 8.83
C ASP A 204 -30.50 7.27 9.44
N MET A 205 -29.85 8.36 9.87
CA MET A 205 -30.52 9.50 10.46
C MET A 205 -31.00 10.53 9.45
N GLY A 206 -30.75 10.29 8.17
CA GLY A 206 -31.31 11.16 7.12
C GLY A 206 -30.31 12.23 6.67
N TYR A 207 -29.08 12.11 7.15
CA TYR A 207 -28.05 13.12 6.84
C TYR A 207 -27.01 12.64 5.84
N ALA A 208 -27.34 11.58 5.11
CA ALA A 208 -26.66 11.24 3.87
C ALA A 208 -25.20 10.88 4.04
N GLY A 209 -24.83 10.39 5.23
CA GLY A 209 -23.47 9.95 5.49
C GLY A 209 -22.50 11.04 5.88
N ASN A 210 -22.93 12.31 5.81
CA ASN A 210 -22.16 13.43 6.38
C ASN A 210 -22.44 13.55 7.87
N PRO A 211 -21.48 13.16 8.71
CA PRO A 211 -21.66 13.21 10.16
C PRO A 211 -21.59 14.60 10.75
N GLN A 212 -21.19 15.59 9.95
CA GLN A 212 -21.02 16.95 10.48
C GLN A 212 -22.31 17.78 10.50
N HIS A 213 -23.28 17.26 11.25
CA HIS A 213 -24.51 17.95 11.58
C HIS A 213 -24.74 17.77 13.06
N PRO A 214 -25.31 18.78 13.75
CA PRO A 214 -25.44 18.74 15.20
C PRO A 214 -26.13 17.50 15.72
N GLU A 215 -27.21 17.08 15.06
CA GLU A 215 -28.02 15.96 15.53
C GLU A 215 -27.18 14.67 15.51
N VAL A 216 -26.34 14.53 14.48
CA VAL A 216 -25.49 13.31 14.34
C VAL A 216 -24.38 13.36 15.37
N GLN A 217 -23.73 14.52 15.50
CA GLN A 217 -22.68 14.66 16.51
C GLN A 217 -23.23 14.52 17.91
N ALA A 218 -24.42 15.07 18.18
CA ALA A 218 -25.05 14.85 19.50
C ALA A 218 -25.24 13.37 19.82
N ALA A 219 -25.74 12.61 18.85
CA ALA A 219 -25.97 11.18 19.01
C ALA A 219 -24.66 10.46 19.31
N ILE A 220 -23.62 10.80 18.52
CA ILE A 220 -22.33 10.15 18.66
C ILE A 220 -21.73 10.47 20.02
N GLU A 221 -21.70 11.77 20.37
CA GLU A 221 -21.07 12.18 21.64
C GLU A 221 -21.80 11.56 22.83
N GLN A 222 -23.13 11.55 22.79
CA GLN A 222 -23.88 10.99 23.89
C GLN A 222 -23.62 9.48 24.04
N ALA A 223 -23.52 8.80 22.90
CA ALA A 223 -23.27 7.37 22.97
C ALA A 223 -21.89 7.09 23.57
N ILE A 224 -20.87 7.84 23.15
CA ILE A 224 -19.50 7.65 23.70
C ILE A 224 -19.57 7.76 25.22
N VAL A 225 -20.21 8.83 25.68
CA VAL A 225 -20.33 9.08 27.12
C VAL A 225 -21.05 7.92 27.82
N GLN A 226 -22.19 7.51 27.25
CA GLN A 226 -22.94 6.40 27.85
C GLN A 226 -22.15 5.09 27.90
N ILE A 227 -21.47 4.76 26.79
CA ILE A 227 -20.66 3.55 26.78
C ILE A 227 -19.59 3.59 27.87
N ARG A 228 -18.84 4.69 27.92
CA ARG A 228 -17.77 4.77 28.91
C ARG A 228 -18.29 4.72 30.36
N GLU A 229 -19.40 5.41 30.60
CA GLU A 229 -19.97 5.44 31.95
C GLU A 229 -20.59 4.12 32.39
N SER A 230 -20.91 3.25 31.43
CA SER A 230 -21.35 1.90 31.73
C SER A 230 -20.19 0.98 32.07
N GLY A 231 -18.96 1.48 32.02
CA GLY A 231 -17.80 0.64 32.30
C GLY A 231 -17.27 -0.11 31.09
N LYS A 232 -17.68 0.31 29.90
CA LYS A 232 -17.23 -0.35 28.66
C LYS A 232 -16.42 0.63 27.84
N ALA A 233 -15.76 0.12 26.80
CA ALA A 233 -14.84 0.96 26.02
C ALA A 233 -15.56 1.50 24.79
N PRO A 234 -15.61 2.83 24.62
CA PRO A 234 -16.16 3.35 23.36
C PRO A 234 -15.13 3.35 22.25
N GLY A 235 -15.59 3.12 21.03
CA GLY A 235 -14.70 3.17 19.87
C GLY A 235 -15.32 3.90 18.70
N ILE A 236 -14.48 4.33 17.76
CA ILE A 236 -14.97 5.04 16.60
C ILE A 236 -13.83 5.12 15.59
N LEU A 237 -14.22 5.26 14.32
CA LEU A 237 -13.30 5.56 13.21
C LEU A 237 -13.59 6.97 12.77
N ILE A 238 -12.55 7.80 12.76
CA ILE A 238 -12.72 9.21 12.41
C ILE A 238 -11.43 9.73 11.78
N ALA A 239 -11.49 10.14 10.51
CA ALA A 239 -10.29 10.63 9.82
C ALA A 239 -10.03 12.10 10.11
N ASN A 240 -11.04 12.81 10.61
CA ASN A 240 -10.90 14.21 11.02
C ASN A 240 -10.19 14.27 12.38
N GLU A 241 -8.97 14.82 12.40
CA GLU A 241 -8.16 14.84 13.62
C GLU A 241 -8.82 15.58 14.77
N GLN A 242 -9.53 16.66 14.46
CA GLN A 242 -10.14 17.50 15.50
C GLN A 242 -11.31 16.80 16.17
N LEU A 243 -12.09 16.08 15.37
CA LEU A 243 -13.18 15.26 15.90
C LEU A 243 -12.59 14.11 16.71
N ALA A 244 -11.50 13.50 16.20
CA ALA A 244 -10.89 12.38 16.94
C ALA A 244 -10.51 12.83 18.35
N LYS A 245 -9.94 14.02 18.44
CA LYS A 245 -9.50 14.53 19.73
C LYS A 245 -10.69 14.82 20.65
N ARG A 246 -11.80 15.29 20.08
CA ARG A 246 -13.01 15.54 20.83
C ARG A 246 -13.54 14.21 21.43
N TYR A 247 -13.56 13.17 20.60
CA TYR A 247 -14.08 11.87 21.04
C TYR A 247 -13.19 11.28 22.14
N LEU A 248 -11.87 11.46 22.01
CA LEU A 248 -10.97 11.04 23.09
C LEU A 248 -11.25 11.80 24.40
N GLU A 249 -11.45 13.13 24.30
CA GLU A 249 -11.79 13.95 25.47
C GLU A 249 -13.07 13.46 26.13
N LEU A 250 -13.98 12.89 25.34
CA LEU A 250 -15.26 12.40 25.88
C LEU A 250 -15.14 10.97 26.44
N GLY A 251 -13.94 10.41 26.38
CA GLY A 251 -13.66 9.13 27.02
C GLY A 251 -13.60 7.95 26.07
N ALA A 252 -13.57 8.21 24.76
CA ALA A 252 -13.41 7.08 23.83
C ALA A 252 -12.07 6.36 24.09
N LEU A 253 -12.06 5.02 23.93
CA LEU A 253 -10.85 4.24 24.27
C LEU A 253 -10.22 3.46 23.12
N PHE A 254 -10.94 3.28 22.04
CA PHE A 254 -10.28 2.73 20.84
C PHE A 254 -10.72 3.55 19.63
N VAL A 255 -9.81 4.44 19.23
CA VAL A 255 -10.14 5.42 18.21
C VAL A 255 -9.22 5.22 17.03
N ALA A 256 -9.83 4.84 15.90
CA ALA A 256 -9.08 4.66 14.64
C ALA A 256 -9.07 6.02 13.99
N VAL A 257 -7.89 6.50 13.69
CA VAL A 257 -7.72 7.88 13.20
C VAL A 257 -7.37 8.03 11.72
N GLY A 258 -7.36 6.90 11.01
CA GLY A 258 -7.20 6.96 9.58
C GLY A 258 -7.38 5.58 9.01
N VAL A 259 -7.33 5.54 7.69
CA VAL A 259 -7.46 4.32 6.88
C VAL A 259 -6.27 4.25 5.93
N ASP A 260 -5.64 3.07 5.87
CA ASP A 260 -4.42 2.96 5.04
C ASP A 260 -4.62 3.39 3.58
N THR A 261 -5.73 2.98 2.97
CA THR A 261 -5.98 3.37 1.54
C THR A 261 -6.10 4.88 1.39
N THR A 262 -6.82 5.52 2.31
CA THR A 262 -6.97 6.97 2.30
C THR A 262 -5.64 7.67 2.52
N LEU A 263 -4.86 7.22 3.52
CA LEU A 263 -3.57 7.86 3.81
C LEU A 263 -2.71 7.77 2.56
N LEU A 264 -2.71 6.59 1.92
CA LEU A 264 -1.86 6.40 0.74
C LEU A 264 -2.33 7.29 -0.41
N ALA A 265 -3.64 7.28 -0.68
CA ALA A 265 -4.21 8.06 -1.79
C ALA A 265 -3.93 9.54 -1.58
N ARG A 266 -4.21 10.04 -0.37
CA ARG A 266 -4.09 11.47 -0.15
C ARG A 266 -2.62 11.91 -0.15
N ALA A 267 -1.73 11.08 0.40
CA ALA A 267 -0.31 11.44 0.39
C ALA A 267 0.19 11.45 -1.05
N ALA A 268 -0.25 10.43 -1.81
CA ALA A 268 0.23 10.34 -3.19
C ALA A 268 -0.25 11.53 -4.03
N GLU A 269 -1.51 11.91 -3.83
CA GLU A 269 -2.07 13.02 -4.60
C GLU A 269 -1.37 14.31 -4.26
N ALA A 270 -1.09 14.50 -2.98
CA ALA A 270 -0.41 15.73 -2.54
C ALA A 270 0.98 15.83 -3.16
N LEU A 271 1.65 14.68 -3.23
CA LEU A 271 2.99 14.60 -3.77
C LEU A 271 3.00 14.90 -5.28
N ALA A 272 2.09 14.25 -6.02
CA ALA A 272 1.97 14.50 -7.47
C ALA A 272 1.63 15.95 -7.77
N ALA A 273 0.77 16.57 -6.97
CA ALA A 273 0.37 17.95 -7.18
C ALA A 273 1.54 18.90 -6.91
N ARG A 274 2.28 18.69 -5.82
CA ARG A 274 3.38 19.61 -5.48
C ARG A 274 4.50 19.55 -6.51
N PHE A 275 4.90 18.34 -6.88
CA PHE A 275 5.98 18.21 -7.86
C PHE A 275 5.49 18.50 -9.29
N GLY A 276 4.25 18.12 -9.58
CA GLY A 276 3.62 18.51 -10.85
C GLY A 276 3.63 20.01 -11.02
N ALA A 277 3.34 20.73 -9.94
CA ALA A 277 3.41 22.21 -9.96
C ALA A 277 4.82 22.73 -10.33
N GLN A 278 5.84 22.07 -9.80
CA GLN A 278 7.23 22.43 -10.09
C GLN A 278 7.55 22.23 -11.57
N ALA A 279 7.18 21.05 -12.12
CA ALA A 279 7.38 20.79 -13.56
C ALA A 279 6.67 21.83 -14.41
N THR A 280 5.44 22.18 -14.02
CA THR A 280 4.69 23.21 -14.76
C THR A 280 5.34 24.60 -14.68
N ALA A 281 5.92 24.95 -13.52
CA ALA A 281 6.59 26.26 -13.40
C ALA A 281 7.85 26.34 -14.26
N VAL A 282 8.52 25.20 -14.44
CA VAL A 282 9.73 25.13 -15.29
C VAL A 282 9.36 25.06 -16.78
N LYS A 283 8.36 24.24 -17.10
CA LYS A 283 7.90 24.11 -18.48
C LYS A 283 6.40 24.50 -18.62
N PRO A 284 6.12 25.81 -18.64
CA PRO A 284 4.73 26.24 -18.84
C PRO A 284 4.19 25.76 -20.17
N GLY A 285 4.70 26.12 -21.24
N THR B 17 -15.56 -0.72 -31.36
CA THR B 17 -14.78 -0.27 -30.18
C THR B 17 -13.55 -1.18 -29.92
N GLU B 18 -13.64 -2.50 -30.10
CA GLU B 18 -12.42 -3.33 -29.90
C GLU B 18 -11.29 -2.90 -30.87
N ASN B 19 -11.63 -2.79 -32.15
CA ASN B 19 -10.64 -2.38 -33.14
C ASN B 19 -9.99 -1.06 -32.72
N LEU B 20 -10.82 -0.10 -32.32
CA LEU B 20 -10.31 1.18 -31.87
C LEU B 20 -9.50 1.06 -30.58
N TYR B 21 -9.94 0.20 -29.66
CA TYR B 21 -9.15 -0.06 -28.44
C TYR B 21 -7.75 -0.52 -28.84
N PHE B 22 -7.66 -1.54 -29.70
CA PHE B 22 -6.37 -2.14 -30.05
C PHE B 22 -5.48 -1.21 -30.87
N GLN B 23 -6.08 -0.45 -31.75
CA GLN B 23 -5.33 0.54 -32.50
C GLN B 23 -4.66 1.52 -31.56
N GLY B 24 -5.33 1.85 -30.45
CA GLY B 24 -4.80 2.78 -29.46
C GLY B 24 -3.82 2.23 -28.45
N ALA B 25 -3.87 0.91 -28.22
CA ALA B 25 -3.07 0.26 -27.19
C ALA B 25 -1.56 0.21 -27.50
N MET B 26 -1.20 0.35 -28.76
CA MET B 26 0.17 0.17 -29.19
C MET B 26 1.08 1.34 -28.81
N GLU B 27 0.53 2.55 -28.85
CA GLU B 27 1.29 3.77 -28.67
C GLU B 27 1.90 3.90 -27.27
N ASN B 28 3.22 4.15 -27.22
CA ASN B 28 3.90 4.34 -25.94
C ASN B 28 3.88 5.82 -25.61
N SER B 29 2.94 6.20 -24.76
CA SER B 29 2.67 7.60 -24.48
C SER B 29 3.80 8.22 -23.65
N PHE B 30 4.42 7.41 -22.81
CA PHE B 30 5.59 7.85 -22.02
C PHE B 30 6.76 8.21 -22.93
N LYS B 31 7.07 7.31 -23.85
CA LYS B 31 8.12 7.56 -24.84
C LYS B 31 7.84 8.84 -25.64
N ALA B 32 6.59 8.98 -26.09
CA ALA B 32 6.17 10.18 -26.85
C ALA B 32 6.39 11.47 -26.04
N ALA B 33 6.08 11.42 -24.74
CA ALA B 33 6.27 12.60 -23.88
C ALA B 33 7.75 12.94 -23.72
N LEU B 34 8.58 11.92 -23.56
CA LEU B 34 10.02 12.15 -23.41
C LEU B 34 10.57 12.78 -24.69
N LYS B 35 10.16 12.22 -25.82
CA LYS B 35 10.63 12.74 -27.12
C LYS B 35 10.18 14.18 -27.36
N ALA B 36 8.99 14.53 -26.87
CA ALA B 36 8.46 15.91 -26.94
C ALA B 36 9.09 16.86 -25.90
N GLY B 37 9.92 16.33 -25.01
CA GLY B 37 10.56 17.11 -23.93
C GLY B 37 9.59 17.58 -22.86
N ARG B 38 8.57 16.76 -22.59
CA ARG B 38 7.59 17.09 -21.53
C ARG B 38 8.05 16.38 -20.25
N PRO B 39 8.42 17.15 -19.20
CA PRO B 39 8.85 16.50 -17.96
C PRO B 39 7.73 15.62 -17.44
N GLN B 40 8.12 14.48 -16.88
CA GLN B 40 7.19 13.43 -16.41
C GLN B 40 7.51 13.14 -14.95
N ILE B 41 6.50 13.34 -14.10
CA ILE B 41 6.63 13.16 -12.65
C ILE B 41 6.18 11.73 -12.27
N GLY B 42 7.05 11.02 -11.56
CA GLY B 42 6.76 9.60 -11.30
C GLY B 42 6.78 9.21 -9.84
N LEU B 43 6.21 8.04 -9.56
CA LEU B 43 6.26 7.44 -8.22
C LEU B 43 6.80 6.02 -8.34
N TRP B 44 7.70 5.67 -7.43
CA TRP B 44 8.22 4.30 -7.39
C TRP B 44 7.20 3.41 -6.69
N LEU B 45 6.97 2.22 -7.29
CA LEU B 45 6.05 1.20 -6.69
C LEU B 45 6.85 0.01 -6.22
N GLY B 46 6.98 -0.07 -4.89
CA GLY B 46 7.58 -1.26 -4.25
C GLY B 46 6.55 -2.10 -3.49
N LEU B 47 5.28 -1.69 -3.41
CA LEU B 47 4.29 -2.47 -2.59
C LEU B 47 3.90 -3.81 -3.23
N SER B 48 4.26 -3.98 -4.52
CA SER B 48 4.20 -5.33 -5.13
C SER B 48 2.78 -5.88 -5.10
N SER B 49 1.82 -4.97 -5.28
CA SER B 49 0.39 -5.29 -5.17
C SER B 49 -0.40 -4.66 -6.32
N SER B 50 -1.26 -5.45 -6.98
CA SER B 50 -2.12 -4.86 -8.02
C SER B 50 -3.16 -3.91 -7.46
N TYR B 51 -3.51 -4.09 -6.18
CA TYR B 51 -4.55 -3.26 -5.58
C TYR B 51 -4.03 -1.84 -5.27
N SER B 52 -2.90 -1.74 -4.52
CA SER B 52 -2.30 -0.40 -4.33
C SER B 52 -1.81 0.21 -5.64
N ALA B 53 -1.41 -0.62 -6.62
CA ALA B 53 -1.02 -0.05 -7.93
C ALA B 53 -2.20 0.68 -8.57
N GLU B 54 -3.40 0.07 -8.54
CA GLU B 54 -4.54 0.76 -9.12
C GLU B 54 -4.84 2.05 -8.35
N LEU B 55 -4.83 1.96 -7.03
CA LEU B 55 -5.10 3.14 -6.20
C LEU B 55 -4.12 4.25 -6.58
N LEU B 56 -2.84 3.90 -6.70
CA LEU B 56 -1.85 4.93 -6.99
C LEU B 56 -1.93 5.43 -8.45
N ALA B 57 -2.44 4.58 -9.35
CA ALA B 57 -2.61 4.98 -10.74
C ALA B 57 -3.61 6.15 -10.89
N GLY B 58 -4.46 6.36 -9.86
CA GLY B 58 -5.44 7.46 -9.90
C GLY B 58 -4.95 8.75 -9.26
N ALA B 59 -3.69 8.78 -8.79
CA ALA B 59 -3.19 9.91 -7.98
C ALA B 59 -2.68 11.11 -8.78
N GLY B 60 -2.39 10.89 -10.06
CA GLY B 60 -2.02 12.00 -10.94
C GLY B 60 -0.55 12.03 -11.33
N PHE B 61 0.16 10.90 -11.18
CA PHE B 61 1.52 10.85 -11.65
C PHE B 61 1.56 10.61 -13.15
N ASP B 62 2.59 11.13 -13.80
CA ASP B 62 2.76 10.79 -15.20
C ASP B 62 3.25 9.38 -15.42
N TRP B 63 4.07 8.88 -14.50
CA TRP B 63 4.56 7.50 -14.63
C TRP B 63 4.69 6.82 -13.29
N LEU B 64 4.69 5.49 -13.33
CA LEU B 64 4.79 4.67 -12.11
C LEU B 64 5.87 3.64 -12.41
N LEU B 65 6.80 3.44 -11.47
CA LEU B 65 7.89 2.48 -11.69
C LEU B 65 7.59 1.19 -10.91
N ILE B 66 7.34 0.11 -11.65
CA ILE B 66 7.06 -1.17 -11.01
C ILE B 66 8.43 -1.81 -10.82
N ASP B 67 8.90 -1.82 -9.59
CA ASP B 67 10.28 -2.23 -9.32
C ASP B 67 10.45 -3.76 -9.23
N GLY B 68 11.06 -4.35 -10.27
CA GLY B 68 11.40 -5.79 -10.27
C GLY B 68 12.76 -6.11 -9.67
N GLU B 69 13.51 -5.08 -9.25
CA GLU B 69 14.86 -5.27 -8.72
C GLU B 69 14.92 -5.30 -7.20
N HIS B 70 14.25 -4.35 -6.53
CA HIS B 70 14.41 -4.22 -5.09
C HIS B 70 13.09 -4.31 -4.32
N ALA B 71 12.05 -4.75 -5.00
CA ALA B 71 10.75 -5.09 -4.40
C ALA B 71 10.42 -6.53 -4.74
N PRO B 72 9.62 -7.22 -3.91
CA PRO B 72 9.31 -8.64 -4.14
C PRO B 72 8.28 -8.88 -5.28
N ASN B 73 8.67 -8.40 -6.46
CA ASN B 73 7.89 -8.59 -7.67
C ASN B 73 8.51 -9.68 -8.53
N ASN B 74 7.68 -10.27 -9.37
CA ASN B 74 8.16 -11.17 -10.41
C ASN B 74 7.34 -10.92 -11.67
N VAL B 75 7.48 -11.76 -12.69
CA VAL B 75 6.80 -11.43 -13.95
C VAL B 75 5.28 -11.48 -13.73
N GLN B 76 4.83 -12.43 -12.92
CA GLN B 76 3.40 -12.51 -12.63
C GLN B 76 2.83 -11.26 -11.91
N THR B 77 3.55 -10.75 -10.92
CA THR B 77 3.04 -9.55 -10.21
C THR B 77 3.20 -8.30 -11.10
N VAL B 78 4.23 -8.28 -11.94
CA VAL B 78 4.30 -7.18 -12.92
C VAL B 78 3.07 -7.19 -13.83
N LEU B 79 2.72 -8.38 -14.35
CA LEU B 79 1.51 -8.53 -15.16
C LEU B 79 0.27 -7.97 -14.49
N THR B 80 -0.01 -8.37 -13.24
CA THR B 80 -1.25 -7.87 -12.64
C THR B 80 -1.22 -6.37 -12.35
N GLN B 81 -0.01 -5.82 -12.06
CA GLN B 81 0.06 -4.36 -11.85
C GLN B 81 -0.15 -3.63 -13.19
N LEU B 82 0.37 -4.20 -14.30
CA LEU B 82 0.09 -3.63 -15.63
C LEU B 82 -1.42 -3.63 -15.94
N GLN B 83 -2.09 -4.73 -15.61
CA GLN B 83 -3.55 -4.79 -15.82
C GLN B 83 -4.28 -3.78 -14.94
N ALA B 84 -3.79 -3.57 -13.72
CA ALA B 84 -4.46 -2.64 -12.83
C ALA B 84 -4.33 -1.20 -13.34
N ILE B 85 -3.11 -0.84 -13.77
CA ILE B 85 -2.80 0.55 -14.20
C ILE B 85 -3.44 0.89 -15.57
N ALA B 86 -3.68 -0.15 -16.40
CA ALA B 86 -4.01 0.03 -17.82
C ALA B 86 -5.01 1.15 -18.18
N PRO B 87 -6.17 1.22 -17.49
CA PRO B 87 -7.17 2.22 -17.95
C PRO B 87 -6.89 3.67 -17.52
N TYR B 88 -5.86 3.84 -16.67
CA TYR B 88 -5.51 5.16 -16.13
C TYR B 88 -4.53 5.90 -17.01
N PRO B 89 -4.43 7.23 -16.86
CA PRO B 89 -3.47 7.98 -17.70
C PRO B 89 -2.02 7.80 -17.32
N SER B 90 -1.78 7.37 -16.08
CA SER B 90 -0.43 7.16 -15.61
C SER B 90 0.23 6.01 -16.35
N GLN B 91 1.49 6.18 -16.76
CA GLN B 91 2.14 5.18 -17.62
C GLN B 91 3.10 4.31 -16.84
N PRO B 92 3.06 2.99 -17.07
CA PRO B 92 3.93 2.11 -16.31
C PRO B 92 5.31 1.99 -16.95
N VAL B 93 6.32 1.93 -16.09
CA VAL B 93 7.72 1.64 -16.48
C VAL B 93 8.11 0.49 -15.57
N VAL B 94 8.82 -0.50 -16.10
CA VAL B 94 9.21 -1.69 -15.28
C VAL B 94 10.72 -1.78 -15.15
N ARG B 95 11.20 -2.02 -13.94
CA ARG B 95 12.64 -2.24 -13.74
C ARG B 95 12.88 -3.74 -13.57
N PRO B 96 13.57 -4.38 -14.52
CA PRO B 96 13.94 -5.77 -14.31
C PRO B 96 15.00 -5.89 -13.20
N SER B 97 15.23 -7.12 -12.68
CA SER B 97 16.25 -7.23 -11.65
C SER B 97 17.68 -7.14 -12.14
N TRP B 98 17.88 -7.28 -13.45
CA TRP B 98 19.20 -7.13 -14.05
C TRP B 98 19.02 -6.91 -15.53
N ASN B 99 20.09 -6.47 -16.18
CA ASN B 99 20.18 -6.41 -17.63
C ASN B 99 20.33 -7.82 -18.22
N ASP B 100 19.24 -8.59 -18.17
CA ASP B 100 19.20 -10.00 -18.58
C ASP B 100 18.22 -10.14 -19.74
N PRO B 101 18.70 -10.61 -20.91
CA PRO B 101 17.80 -10.69 -22.05
C PRO B 101 16.59 -11.59 -21.82
N VAL B 102 16.75 -12.62 -20.98
CA VAL B 102 15.64 -13.54 -20.72
C VAL B 102 14.57 -12.82 -19.91
N GLN B 103 14.99 -12.19 -18.83
CA GLN B 103 14.07 -11.41 -18.03
C GLN B 103 13.41 -10.30 -18.84
N ILE B 104 14.19 -9.64 -19.71
CA ILE B 104 13.63 -8.60 -20.54
C ILE B 104 12.56 -9.17 -21.52
N LYS B 105 12.90 -10.26 -22.21
CA LYS B 105 11.91 -10.94 -23.05
C LYS B 105 10.61 -11.19 -22.28
N GLN B 106 10.71 -11.70 -21.06
CA GLN B 106 9.49 -12.10 -20.32
C GLN B 106 8.64 -10.86 -19.97
N LEU B 107 9.30 -9.79 -19.60
CA LEU B 107 8.59 -8.55 -19.26
C LEU B 107 7.93 -7.97 -20.48
N LEU B 108 8.63 -7.98 -21.61
CA LEU B 108 8.02 -7.52 -22.85
C LEU B 108 6.80 -8.36 -23.20
N ASP B 109 6.88 -9.68 -23.00
CA ASP B 109 5.80 -10.59 -23.41
C ASP B 109 4.54 -10.17 -22.65
N VAL B 110 4.66 -9.82 -21.36
CA VAL B 110 3.45 -9.50 -20.59
C VAL B 110 2.96 -8.08 -20.89
N GLY B 111 3.69 -7.35 -21.73
CA GLY B 111 3.18 -6.07 -22.20
C GLY B 111 3.96 -4.81 -21.79
N THR B 112 5.11 -5.01 -21.16
CA THR B 112 5.99 -3.89 -20.80
C THR B 112 6.50 -3.21 -22.06
N GLN B 113 6.36 -1.88 -22.11
CA GLN B 113 6.95 -1.16 -23.25
C GLN B 113 8.05 -0.20 -22.85
N THR B 114 8.16 0.13 -21.56
CA THR B 114 9.23 1.02 -21.10
C THR B 114 9.98 0.33 -19.99
N LEU B 115 11.29 0.14 -20.21
CA LEU B 115 12.16 -0.59 -19.25
C LEU B 115 13.15 0.36 -18.59
N LEU B 116 13.37 0.20 -17.30
CA LEU B 116 14.45 0.91 -16.61
C LEU B 116 15.47 -0.14 -16.21
N VAL B 117 16.61 -0.17 -16.91
CA VAL B 117 17.55 -1.30 -16.81
C VAL B 117 18.64 -0.97 -15.80
N PRO B 118 18.78 -1.77 -14.72
CA PRO B 118 19.77 -1.39 -13.70
C PRO B 118 21.22 -1.69 -14.10
N MET B 119 22.16 -0.97 -13.47
CA MET B 119 23.59 -1.31 -13.52
C MET B 119 24.14 -1.45 -14.93
N VAL B 120 23.81 -0.47 -15.76
CA VAL B 120 24.39 -0.40 -17.08
C VAL B 120 25.72 0.38 -16.98
N GLN B 121 26.80 -0.32 -17.26
CA GLN B 121 28.15 0.17 -16.95
C GLN B 121 28.89 0.75 -18.12
N ASN B 122 28.45 0.41 -19.33
CA ASN B 122 29.18 0.73 -20.55
C ASN B 122 28.28 0.62 -21.78
N ALA B 123 28.76 1.07 -22.94
CA ALA B 123 27.95 1.08 -24.15
C ALA B 123 27.59 -0.33 -24.63
N ASP B 124 28.48 -1.29 -24.44
CA ASP B 124 28.19 -2.66 -24.83
C ASP B 124 26.93 -3.13 -24.08
N GLU B 125 26.88 -2.86 -22.78
CA GLU B 125 25.75 -3.29 -21.98
C GLU B 125 24.47 -2.55 -22.36
N ALA B 126 24.58 -1.25 -22.64
CA ALA B 126 23.46 -0.50 -23.14
C ALA B 126 22.95 -1.05 -24.48
N ARG B 127 23.87 -1.40 -25.38
CA ARG B 127 23.47 -1.98 -26.66
C ARG B 127 22.75 -3.32 -26.45
N GLU B 128 23.25 -4.12 -25.51
CA GLU B 128 22.65 -5.41 -25.22
C GLU B 128 21.22 -5.22 -24.72
N ALA B 129 21.02 -4.20 -23.88
CA ALA B 129 19.66 -3.93 -23.36
C ALA B 129 18.72 -3.56 -24.50
N VAL B 130 19.17 -2.66 -25.37
CA VAL B 130 18.37 -2.26 -26.53
C VAL B 130 18.03 -3.46 -27.42
N ARG B 131 19.06 -4.23 -27.79
CA ARG B 131 18.87 -5.35 -28.71
C ARG B 131 17.88 -6.38 -28.18
N ALA B 132 17.81 -6.49 -26.86
CA ALA B 132 16.89 -7.44 -26.22
C ALA B 132 15.42 -7.04 -26.44
N THR B 133 15.17 -5.77 -26.76
CA THR B 133 13.79 -5.25 -26.87
C THR B 133 13.31 -5.18 -28.29
N ARG B 134 14.18 -5.49 -29.25
CA ARG B 134 13.87 -5.30 -30.67
C ARG B 134 13.89 -6.60 -31.46
N TYR B 135 12.88 -6.77 -32.31
CA TYR B 135 12.83 -7.87 -33.26
C TYR B 135 13.94 -7.75 -34.29
N PRO B 136 14.37 -8.90 -34.85
CA PRO B 136 15.30 -8.82 -35.98
C PRO B 136 14.75 -7.99 -37.17
N PRO B 137 15.63 -7.35 -37.94
CA PRO B 137 17.09 -7.33 -37.83
C PRO B 137 17.63 -6.35 -36.79
N ALA B 138 16.77 -5.57 -36.15
CA ALA B 138 17.25 -4.57 -35.19
C ALA B 138 17.69 -5.16 -33.83
N GLY B 139 17.23 -6.36 -33.52
CA GLY B 139 17.64 -6.97 -32.26
C GLY B 139 17.44 -8.47 -32.21
N ILE B 140 17.37 -8.98 -30.99
CA ILE B 140 17.31 -10.42 -30.75
C ILE B 140 16.00 -10.86 -30.10
N ARG B 141 15.00 -9.97 -30.08
CA ARG B 141 13.70 -10.35 -29.50
C ARG B 141 13.05 -11.46 -30.33
N GLY B 142 12.61 -12.52 -29.66
CA GLY B 142 11.97 -13.65 -30.33
C GLY B 142 10.55 -13.32 -30.75
N VAL B 143 10.26 -13.47 -32.05
CA VAL B 143 8.92 -13.17 -32.61
C VAL B 143 7.94 -14.21 -32.11
N GLY B 144 8.51 -15.29 -31.57
CA GLY B 144 7.76 -16.49 -31.19
C GLY B 144 6.52 -16.13 -30.41
N SER B 145 6.69 -15.14 -29.55
CA SER B 145 5.71 -14.78 -28.54
C SER B 145 5.09 -13.40 -28.77
N ALA B 146 5.03 -12.97 -30.02
CA ALA B 146 4.20 -11.80 -30.32
C ALA B 146 2.83 -12.11 -29.74
N LEU B 147 2.45 -13.40 -29.75
CA LEU B 147 1.11 -13.82 -29.30
C LEU B 147 0.72 -13.73 -27.80
N ALA B 148 1.64 -13.27 -26.93
CA ALA B 148 1.34 -13.06 -25.49
C ALA B 148 0.53 -11.76 -25.24
N ARG B 149 0.48 -11.25 -24.01
CA ARG B 149 -0.29 -10.01 -23.73
C ARG B 149 0.25 -8.83 -24.54
N ALA B 150 1.53 -8.87 -24.87
CA ALA B 150 2.16 -7.79 -25.65
C ALA B 150 1.36 -7.40 -26.90
N SER B 151 0.89 -8.38 -27.69
CA SER B 151 0.11 -8.11 -28.91
C SER B 151 -1.38 -8.22 -28.61
N ARG B 152 -1.71 -8.25 -27.33
CA ARG B 152 -3.03 -8.67 -26.85
C ARG B 152 -3.50 -9.95 -27.57
N TRP B 153 -2.64 -10.99 -27.52
CA TRP B 153 -2.95 -12.31 -28.06
C TRP B 153 -3.34 -12.18 -29.53
N ASN B 154 -2.51 -11.43 -30.25
CA ASN B 154 -2.66 -11.23 -31.71
C ASN B 154 -3.83 -10.39 -32.15
N ARG B 155 -4.26 -9.45 -31.32
CA ARG B 155 -5.33 -8.52 -31.70
C ARG B 155 -4.83 -7.16 -32.15
N ILE B 156 -3.65 -6.76 -31.71
CA ILE B 156 -3.11 -5.46 -32.12
C ILE B 156 -2.68 -5.57 -33.57
N PRO B 157 -3.34 -4.79 -34.46
CA PRO B 157 -2.98 -4.91 -35.87
C PRO B 157 -1.55 -4.47 -36.13
N ASP B 158 -0.88 -5.22 -37.02
CA ASP B 158 0.48 -4.93 -37.46
C ASP B 158 1.46 -4.84 -36.29
N TYR B 159 1.18 -5.62 -35.24
CA TYR B 159 2.00 -5.61 -34.05
C TYR B 159 3.52 -5.74 -34.33
N LEU B 160 3.91 -6.80 -35.04
CA LEU B 160 5.34 -7.06 -35.31
C LEU B 160 6.02 -5.88 -35.97
N GLN B 161 5.33 -5.25 -36.91
CA GLN B 161 5.87 -4.13 -37.66
C GLN B 161 5.99 -2.87 -36.80
N LYS B 162 5.11 -2.75 -35.81
CA LYS B 162 5.00 -1.53 -35.01
C LYS B 162 5.76 -1.59 -33.68
N ALA B 163 6.06 -2.79 -33.19
CA ALA B 163 6.52 -2.95 -31.80
C ALA B 163 7.86 -2.28 -31.51
N ASN B 164 8.81 -2.38 -32.43
CA ASN B 164 10.15 -1.90 -32.12
C ASN B 164 10.15 -0.42 -31.82
N ASP B 165 9.39 0.35 -32.61
CA ASP B 165 9.42 1.80 -32.43
C ASP B 165 8.73 2.28 -31.15
N GLN B 166 7.87 1.44 -30.57
CA GLN B 166 7.17 1.81 -29.32
C GLN B 166 7.91 1.34 -28.06
N MET B 167 9.05 0.68 -28.21
CA MET B 167 9.83 0.26 -27.06
C MET B 167 10.67 1.46 -26.60
N CYS B 168 10.75 1.62 -25.28
CA CYS B 168 11.46 2.72 -24.66
C CYS B 168 12.45 2.16 -23.65
N VAL B 169 13.73 2.30 -23.93
CA VAL B 169 14.79 1.75 -23.08
C VAL B 169 15.48 2.86 -22.31
N LEU B 170 15.44 2.74 -20.98
CA LEU B 170 16.09 3.70 -20.09
C LEU B 170 17.14 2.91 -19.35
N VAL B 171 18.34 3.45 -19.28
CA VAL B 171 19.46 2.72 -18.62
C VAL B 171 19.90 3.43 -17.33
N GLN B 172 20.20 2.65 -16.27
CA GLN B 172 20.67 3.25 -15.03
C GLN B 172 22.19 3.33 -14.96
N ILE B 173 22.68 4.50 -14.54
CA ILE B 173 24.11 4.68 -14.26
C ILE B 173 24.26 4.85 -12.75
N GLU B 174 25.07 3.99 -12.15
CA GLU B 174 25.13 3.83 -10.70
C GLU B 174 26.53 3.87 -10.14
N THR B 175 27.53 4.04 -11.02
CA THR B 175 28.93 3.95 -10.61
C THR B 175 29.82 4.96 -11.29
N ARG B 176 31.03 5.12 -10.73
CA ARG B 176 32.02 6.01 -11.32
C ARG B 176 32.40 5.54 -12.74
N GLU B 177 32.53 4.24 -12.90
CA GLU B 177 32.80 3.63 -14.20
C GLU B 177 31.70 3.99 -15.21
N ALA B 178 30.43 3.80 -14.81
CA ALA B 178 29.31 4.12 -15.71
C ALA B 178 29.37 5.59 -16.09
N MET B 179 29.64 6.46 -15.10
CA MET B 179 29.82 7.89 -15.34
C MET B 179 30.92 8.21 -16.37
N LYS B 180 32.09 7.56 -16.23
CA LYS B 180 33.19 7.69 -17.20
C LYS B 180 32.75 7.31 -18.61
N ASN B 181 31.92 6.26 -18.71
CA ASN B 181 31.45 5.75 -20.01
C ASN B 181 30.20 6.45 -20.54
N LEU B 182 29.70 7.43 -19.79
CA LEU B 182 28.46 8.12 -20.19
C LEU B 182 28.44 8.60 -21.66
N PRO B 183 29.50 9.29 -22.12
CA PRO B 183 29.49 9.73 -23.52
C PRO B 183 29.23 8.60 -24.51
N GLN B 184 29.89 7.45 -24.29
CA GLN B 184 29.70 6.29 -25.18
C GLN B 184 28.30 5.70 -25.04
N ILE B 185 27.80 5.62 -23.80
CA ILE B 185 26.43 5.15 -23.55
C ILE B 185 25.42 6.03 -24.31
N LEU B 186 25.67 7.33 -24.29
CA LEU B 186 24.73 8.27 -24.93
C LEU B 186 24.70 8.08 -26.45
N ASP B 187 25.79 7.55 -27.01
CA ASP B 187 25.88 7.33 -28.45
C ASP B 187 25.13 6.07 -28.94
N VAL B 188 24.63 5.24 -28.02
CA VAL B 188 23.95 4.00 -28.41
C VAL B 188 22.53 4.28 -28.91
N GLU B 189 22.28 3.94 -30.17
CA GLU B 189 20.95 4.11 -30.73
C GLU B 189 19.96 3.25 -29.98
N GLY B 190 18.81 3.82 -29.65
CA GLY B 190 17.81 3.07 -28.90
C GLY B 190 17.86 3.27 -27.41
N VAL B 191 18.93 3.89 -26.90
CA VAL B 191 18.91 4.36 -25.50
C VAL B 191 18.09 5.67 -25.48
N ASP B 192 16.89 5.60 -24.93
CA ASP B 192 16.03 6.79 -24.96
C ASP B 192 16.28 7.71 -23.79
N GLY B 193 16.75 7.14 -22.68
CA GLY B 193 16.93 7.89 -21.44
C GLY B 193 18.01 7.28 -20.59
N VAL B 194 18.58 8.09 -19.70
CA VAL B 194 19.60 7.62 -18.76
C VAL B 194 19.20 8.12 -17.40
N PHE B 195 19.07 7.18 -16.46
CA PHE B 195 18.62 7.45 -15.09
C PHE B 195 19.82 7.40 -14.17
N ILE B 196 19.92 8.35 -13.24
CA ILE B 196 20.99 8.32 -12.26
C ILE B 196 20.37 8.00 -10.92
N GLY B 197 20.90 7.00 -10.22
CA GLY B 197 20.42 6.65 -8.88
C GLY B 197 21.41 7.27 -7.89
N PRO B 198 21.02 8.38 -7.23
CA PRO B 198 21.96 9.18 -6.40
C PRO B 198 22.55 8.39 -5.22
N ALA B 199 21.74 7.55 -4.59
CA ALA B 199 22.21 6.72 -3.48
C ALA B 199 23.33 5.75 -3.90
N ASP B 200 23.11 4.96 -4.95
CA ASP B 200 24.14 4.02 -5.44
C ASP B 200 25.41 4.73 -5.90
N LEU B 201 25.24 5.86 -6.60
CA LEU B 201 26.40 6.61 -7.08
C LEU B 201 27.19 7.13 -5.89
N SER B 202 26.49 7.77 -4.95
CA SER B 202 27.13 8.24 -3.71
C SER B 202 27.90 7.11 -3.05
N ALA B 203 27.30 5.92 -3.00
CA ALA B 203 27.93 4.77 -2.35
C ALA B 203 29.22 4.38 -3.08
N ASP B 204 29.16 4.36 -4.42
CA ASP B 204 30.32 3.97 -5.22
C ASP B 204 31.42 5.01 -5.10
N MET B 205 31.01 6.26 -4.88
CA MET B 205 31.94 7.38 -4.77
C MET B 205 32.58 7.52 -3.39
N GLY B 206 32.14 6.71 -2.44
CA GLY B 206 32.70 6.71 -1.09
C GLY B 206 31.89 7.40 -0.01
N TYR B 207 30.70 7.89 -0.35
CA TYR B 207 29.89 8.68 0.59
C TYR B 207 28.70 7.92 1.19
N ALA B 208 28.82 6.60 1.25
CA ALA B 208 27.85 5.73 1.95
C ALA B 208 26.38 6.03 1.66
N GLY B 209 26.07 6.25 0.39
CA GLY B 209 24.70 6.46 -0.05
C GLY B 209 24.09 7.80 0.33
N ASN B 210 24.86 8.64 1.03
CA ASN B 210 24.44 10.01 1.30
C ASN B 210 24.75 10.91 0.12
N PRO B 211 23.72 11.29 -0.66
CA PRO B 211 23.92 12.05 -1.88
C PRO B 211 24.15 13.54 -1.64
N GLN B 212 23.95 13.98 -0.39
CA GLN B 212 24.12 15.39 0.00
C GLN B 212 25.57 15.72 0.30
N HIS B 213 26.40 15.57 -0.73
CA HIS B 213 27.79 16.01 -0.71
C HIS B 213 28.02 16.67 -2.05
N PRO B 214 28.76 17.79 -2.05
CA PRO B 214 29.06 18.53 -3.28
C PRO B 214 29.61 17.68 -4.42
N GLU B 215 30.51 16.75 -4.12
CA GLU B 215 31.15 15.94 -5.16
C GLU B 215 30.14 15.04 -5.87
N VAL B 216 29.24 14.44 -5.10
CA VAL B 216 28.15 13.62 -5.64
C VAL B 216 27.19 14.50 -6.44
N GLN B 217 26.73 15.59 -5.82
CA GLN B 217 25.81 16.51 -6.50
C GLN B 217 26.41 17.07 -7.78
N ALA B 218 27.69 17.43 -7.76
CA ALA B 218 28.39 17.89 -8.98
C ALA B 218 28.35 16.83 -10.08
N ALA B 219 28.60 15.58 -9.72
CA ALA B 219 28.62 14.49 -10.69
C ALA B 219 27.22 14.26 -11.27
N ILE B 220 26.20 14.32 -10.41
CA ILE B 220 24.81 14.12 -10.82
C ILE B 220 24.35 15.22 -11.80
N GLU B 221 24.64 16.47 -11.44
CA GLU B 221 24.20 17.62 -12.25
C GLU B 221 24.86 17.61 -13.61
N GLN B 222 26.17 17.35 -13.64
CA GLN B 222 26.86 17.30 -14.92
C GLN B 222 26.31 16.17 -15.82
N ALA B 223 26.06 15.01 -15.23
CA ALA B 223 25.43 13.91 -15.99
C ALA B 223 24.07 14.31 -16.57
N ILE B 224 23.23 14.96 -15.79
CA ILE B 224 21.89 15.34 -16.29
C ILE B 224 22.07 16.27 -17.50
N VAL B 225 22.99 17.23 -17.37
CA VAL B 225 23.25 18.18 -18.45
C VAL B 225 23.74 17.45 -19.72
N GLN B 226 24.74 16.57 -19.55
CA GLN B 226 25.27 15.79 -20.68
C GLN B 226 24.20 14.94 -21.36
N ILE B 227 23.38 14.27 -20.56
CA ILE B 227 22.32 13.43 -21.12
C ILE B 227 21.37 14.28 -21.97
N ARG B 228 20.88 15.37 -21.41
CA ARG B 228 19.85 16.14 -22.12
C ARG B 228 20.48 16.76 -23.37
N GLU B 229 21.70 17.24 -23.24
CA GLU B 229 22.34 17.92 -24.36
C GLU B 229 22.71 16.96 -25.50
N SER B 230 22.76 15.65 -25.19
CA SER B 230 22.97 14.65 -26.22
C SER B 230 21.68 14.28 -26.96
N GLY B 231 20.57 14.85 -26.53
CA GLY B 231 19.28 14.57 -27.15
C GLY B 231 18.51 13.41 -26.52
N LYS B 232 18.93 13.02 -25.33
CA LYS B 232 18.29 11.90 -24.63
C LYS B 232 17.62 12.42 -23.35
N ALA B 233 16.80 11.58 -22.70
CA ALA B 233 16.11 12.06 -21.50
C ALA B 233 16.85 11.69 -20.22
N PRO B 234 17.14 12.68 -19.36
CA PRO B 234 17.70 12.34 -18.05
C PRO B 234 16.60 11.95 -17.09
N GLY B 235 16.89 10.98 -16.22
CA GLY B 235 15.93 10.63 -15.15
C GLY B 235 16.63 10.53 -13.83
N ILE B 236 15.85 10.67 -12.76
CA ILE B 236 16.43 10.62 -11.42
C ILE B 236 15.29 10.36 -10.41
N LEU B 237 15.65 9.84 -9.25
CA LEU B 237 14.74 9.62 -8.11
C LEU B 237 15.17 10.59 -7.00
N ILE B 238 14.27 11.47 -6.60
CA ILE B 238 14.60 12.52 -5.63
C ILE B 238 13.38 12.69 -4.71
N ALA B 239 13.49 13.46 -3.64
CA ALA B 239 12.35 13.62 -2.72
C ALA B 239 12.11 15.07 -2.32
N ASN B 240 13.01 15.95 -2.73
CA ASN B 240 12.96 17.35 -2.32
C ASN B 240 12.47 18.25 -3.46
N GLU B 241 11.47 19.09 -3.20
CA GLU B 241 10.88 19.95 -4.22
C GLU B 241 11.87 20.90 -4.89
N GLN B 242 12.73 21.52 -4.07
CA GLN B 242 13.71 22.49 -4.57
C GLN B 242 14.80 21.81 -5.40
N LEU B 243 15.26 20.65 -4.95
CA LEU B 243 16.21 19.86 -5.74
C LEU B 243 15.56 19.34 -7.03
N ALA B 244 14.27 19.00 -6.96
CA ALA B 244 13.55 18.53 -8.14
C ALA B 244 13.47 19.65 -9.15
N LYS B 245 13.17 20.85 -8.68
CA LYS B 245 13.05 21.98 -9.61
C LYS B 245 14.42 22.24 -10.23
N ARG B 246 15.48 22.12 -9.44
CA ARG B 246 16.85 22.32 -9.95
C ARG B 246 17.21 21.29 -11.03
N TYR B 247 16.96 20.02 -10.74
CA TYR B 247 17.17 18.96 -11.77
C TYR B 247 16.27 19.17 -13.01
N LEU B 248 15.00 19.52 -12.81
CA LEU B 248 14.18 19.98 -13.94
C LEU B 248 14.77 21.16 -14.69
N GLU B 249 15.25 22.19 -13.99
CA GLU B 249 15.83 23.33 -14.68
C GLU B 249 17.07 22.95 -15.44
N LEU B 250 17.74 21.87 -15.00
CA LEU B 250 18.95 21.39 -15.66
C LEU B 250 18.64 20.42 -16.80
N GLY B 251 17.35 20.16 -16.99
CA GLY B 251 16.90 19.38 -18.15
C GLY B 251 16.34 17.98 -17.89
N ALA B 252 16.21 17.59 -16.62
CA ALA B 252 15.70 16.25 -16.31
C ALA B 252 14.28 16.08 -16.84
N LEU B 253 13.97 14.86 -17.32
CA LEU B 253 12.69 14.62 -18.01
C LEU B 253 11.83 13.53 -17.41
N PHE B 254 12.45 12.60 -16.68
CA PHE B 254 11.63 11.62 -15.95
C PHE B 254 12.10 11.58 -14.52
N VAL B 255 11.35 12.26 -13.66
CA VAL B 255 11.79 12.52 -12.29
C VAL B 255 10.83 11.79 -11.36
N ALA B 256 11.34 10.77 -10.67
CA ALA B 256 10.53 10.08 -9.68
C ALA B 256 10.69 10.84 -8.39
N VAL B 257 9.59 11.13 -7.73
CA VAL B 257 9.60 12.05 -6.58
C VAL B 257 9.24 11.41 -5.21
N GLY B 258 9.08 10.10 -5.24
CA GLY B 258 8.87 9.36 -3.99
C GLY B 258 8.70 7.89 -4.27
N VAL B 259 8.53 7.15 -3.18
CA VAL B 259 8.43 5.71 -3.19
C VAL B 259 7.19 5.33 -2.39
N ASP B 260 6.33 4.46 -2.95
CA ASP B 260 5.07 4.15 -2.27
C ASP B 260 5.25 3.68 -0.80
N THR B 261 6.23 2.81 -0.57
CA THR B 261 6.43 2.24 0.80
C THR B 261 6.80 3.38 1.76
N THR B 262 7.70 4.26 1.33
CA THR B 262 8.13 5.42 2.13
C THR B 262 6.99 6.39 2.39
N LEU B 263 6.20 6.69 1.35
CA LEU B 263 5.10 7.65 1.49
C LEU B 263 4.12 7.10 2.53
N LEU B 264 3.82 5.80 2.42
CA LEU B 264 2.85 5.19 3.33
C LEU B 264 3.40 5.16 4.75
N ALA B 265 4.67 4.74 4.91
CA ALA B 265 5.23 4.67 6.27
C ALA B 265 5.28 6.04 6.91
N ARG B 266 5.74 7.04 6.15
CA ARG B 266 5.89 8.38 6.73
C ARG B 266 4.54 9.00 7.08
N ALA B 267 3.53 8.82 6.21
CA ALA B 267 2.19 9.35 6.51
C ALA B 267 1.61 8.67 7.75
N ALA B 268 1.80 7.35 7.81
CA ALA B 268 1.29 6.58 8.93
C ALA B 268 1.93 7.02 10.27
N GLU B 269 3.26 7.14 10.25
CA GLU B 269 3.99 7.53 11.45
C GLU B 269 3.62 8.94 11.91
N ALA B 270 3.49 9.88 10.97
CA ALA B 270 3.09 11.26 11.30
C ALA B 270 1.72 11.27 11.96
N LEU B 271 0.81 10.48 11.39
CA LEU B 271 -0.53 10.37 11.98
C LEU B 271 -0.51 9.82 13.41
N ALA B 272 0.20 8.71 13.61
CA ALA B 272 0.27 8.10 14.96
C ALA B 272 0.89 9.07 15.95
N ALA B 273 1.93 9.78 15.52
CA ALA B 273 2.64 10.72 16.38
C ALA B 273 1.75 11.88 16.83
N ARG B 274 0.83 12.33 15.96
CA ARG B 274 -0.05 13.44 16.29
C ARG B 274 -1.03 13.14 17.42
N PHE B 275 -1.21 11.84 17.71
CA PHE B 275 -2.04 11.37 18.80
C PHE B 275 -1.25 10.79 19.96
N GLY B 276 0.08 10.88 19.90
CA GLY B 276 0.96 10.40 20.97
C GLY B 276 0.76 8.91 21.24
N ALA B 277 0.55 8.14 20.17
CA ALA B 277 0.28 6.70 20.29
C ALA B 277 1.32 6.00 21.19
N GLN B 278 0.99 5.22 22.08
P PO4 C . -15.06 -9.90 29.89
O1 PO4 C . -15.05 -8.58 30.64
O2 PO4 C . -13.88 -10.77 30.33
O3 PO4 C . -16.36 -10.61 30.19
O4 PO4 C . -14.94 -9.75 28.38
C1 GOL D . 3.99 -9.67 -0.74
O1 GOL D . 4.17 -10.81 0.11
C2 GOL D . 2.50 -9.38 -0.83
O2 GOL D . 1.99 -9.29 0.50
C3 GOL D . 2.22 -8.09 -1.61
O3 GOL D . 0.84 -7.80 -1.53
C1 GOL E . -3.40 -16.43 21.06
O1 GOL E . -4.46 -17.34 20.85
C2 GOL E . -3.43 -15.32 20.00
O2 GOL E . -3.45 -15.93 18.72
C3 GOL E . -2.16 -14.47 20.17
O3 GOL E . -1.99 -13.63 19.06
C1 GOL F . -13.29 -0.40 30.50
O1 GOL F . -12.84 -0.44 29.16
C2 GOL F . -13.28 1.04 31.02
O2 GOL F . -14.25 1.15 32.02
C3 GOL F . -11.93 1.36 31.66
O3 GOL F . -12.02 2.59 32.36
P PO4 G . 14.16 5.26 -30.74
O1 PO4 G . 14.23 4.54 -29.39
O2 PO4 G . 14.23 6.76 -30.57
O3 PO4 G . 15.33 4.81 -31.59
O4 PO4 G . 12.86 4.89 -31.44
C1 GOL H . -5.92 -7.67 -3.75
O1 GOL H . -6.42 -8.01 -5.05
C2 GOL H . -4.39 -7.75 -3.74
O2 GOL H . -3.86 -6.98 -4.83
C3 GOL H . -3.90 -7.11 -2.44
O3 GOL H . -2.49 -7.21 -2.41
C1 GOL I . 0.95 -1.25 -24.21
O1 GOL I . -0.46 -1.35 -24.20
C2 GOL I . 1.57 -2.58 -24.64
O2 GOL I . 1.20 -3.58 -23.74
C3 GOL I . 1.23 -2.92 -26.09
O3 GOL I . 2.18 -3.82 -26.61
#